data_3LF0
#
_entry.id   3LF0
#
_cell.length_a   69.742
_cell.length_b   69.742
_cell.length_c   146.682
_cell.angle_alpha   90.00
_cell.angle_beta   90.00
_cell.angle_gamma   90.00
#
_symmetry.space_group_name_H-M   'P 43 21 2'
#
loop_
_entity.id
_entity.type
_entity.pdbx_description
1 polymer 'Nitrogen regulatory protein P-II'
2 non-polymer "ADENOSINE-5'-TRIPHOSPHATE"
3 water water
#
_entity_poly.entity_id   1
_entity_poly.type   'polypeptide(L)'
_entity_poly.pdbx_seq_one_letter_code
;SHMKLITAIVKPFTLDDVKTSLEDAGVLGMTVSEIQGYGRQKGHTEVYRGAEYSVDFVPKVRIEVVVDDSIVDKVVDSIV
RAARTGKIGDGKVWVSPVDTIVRVRTGERGHDAL
;
_entity_poly.pdbx_strand_id   A,B,C
#
# COMPACT_ATOMS: atom_id res chain seq x y z
N SER A 1 14.30 4.80 14.55
CA SER A 1 13.10 5.55 14.06
C SER A 1 11.96 5.36 15.02
N HIS A 2 11.28 6.44 15.37
CA HIS A 2 10.12 6.24 16.21
C HIS A 2 8.83 6.49 15.44
N MET A 3 8.88 6.22 14.12
CA MET A 3 7.73 6.37 13.26
C MET A 3 7.11 5.01 12.85
N LYS A 4 5.79 5.02 12.77
CA LYS A 4 5.00 3.85 12.50
C LYS A 4 3.92 4.18 11.44
N LEU A 5 3.61 3.21 10.58
CA LEU A 5 2.40 3.29 9.76
C LEU A 5 1.23 2.54 10.40
N ILE A 6 0.08 3.21 10.54
CA ILE A 6 -1.18 2.55 10.86
C ILE A 6 -1.94 2.30 9.55
N THR A 7 -2.35 1.03 9.34
CA THR A 7 -3.26 0.65 8.23
C THR A 7 -4.51 0.00 8.86
N ALA A 8 -5.67 0.60 8.57
CA ALA A 8 -7.00 0.16 9.02
C ALA A 8 -7.80 -0.23 7.77
N ILE A 9 -8.33 -1.47 7.77
CA ILE A 9 -9.30 -1.88 6.79
C ILE A 9 -10.65 -1.85 7.52
N VAL A 10 -11.51 -0.92 7.15
CA VAL A 10 -12.76 -0.71 7.90
C VAL A 10 -13.96 -0.57 6.94
N LYS A 11 -15.18 -0.69 7.48
CA LYS A 11 -16.41 -0.54 6.69
C LYS A 11 -16.49 0.92 6.23
N PRO A 12 -16.79 1.17 4.94
CA PRO A 12 -16.81 2.53 4.37
C PRO A 12 -17.63 3.57 5.12
N PHE A 13 -18.71 3.15 5.80
CA PHE A 13 -19.58 4.11 6.47
C PHE A 13 -19.02 4.61 7.81
N THR A 14 -17.97 3.94 8.28
CA THR A 14 -17.35 4.29 9.56
C THR A 14 -16.31 5.37 9.42
N LEU A 15 -16.10 5.85 8.20
CA LEU A 15 -14.97 6.74 7.88
C LEU A 15 -15.02 8.07 8.62
N ASP A 16 -16.20 8.69 8.62
CA ASP A 16 -16.32 9.98 9.24
C ASP A 16 -16.16 9.93 10.73
N ASP A 17 -16.86 8.99 11.36
CA ASP A 17 -16.60 8.59 12.74
C ASP A 17 -15.09 8.40 12.94
N VAL A 18 -14.39 7.69 12.05
CA VAL A 18 -12.93 7.54 12.18
C VAL A 18 -12.15 8.86 11.95
N LYS A 19 -12.53 9.66 10.95
CA LYS A 19 -11.89 10.96 10.73
C LYS A 19 -11.98 11.90 11.95
N THR A 20 -13.19 12.05 12.51
CA THR A 20 -13.38 12.86 13.73
C THR A 20 -12.65 12.30 14.97
N SER A 21 -12.67 10.98 15.12
CA SER A 21 -11.95 10.30 16.21
C SER A 21 -10.44 10.56 16.17
N LEU A 22 -9.90 10.60 14.96
CA LEU A 22 -8.50 10.95 14.70
C LEU A 22 -8.12 12.41 15.02
N GLU A 23 -8.98 13.41 14.74
CA GLU A 23 -8.65 14.81 15.12
C GLU A 23 -8.53 14.90 16.64
N ASP A 24 -9.41 14.20 17.35
CA ASP A 24 -9.45 14.19 18.80
C ASP A 24 -8.23 13.55 19.45
N ALA A 25 -7.55 12.66 18.72
CA ALA A 25 -6.27 12.12 19.15
C ALA A 25 -5.10 13.00 18.68
N GLY A 26 -5.41 14.20 18.18
CA GLY A 26 -4.41 15.09 17.57
C GLY A 26 -3.79 14.63 16.25
N VAL A 27 -4.39 13.66 15.58
CA VAL A 27 -3.89 13.24 14.27
C VAL A 27 -4.72 14.00 13.24
N LEU A 28 -4.08 14.79 12.39
CA LEU A 28 -4.82 15.64 11.46
C LEU A 28 -5.06 14.90 10.13
N GLY A 29 -4.07 14.89 9.24
CA GLY A 29 -4.20 14.17 7.96
C GLY A 29 -4.28 12.65 7.98
N MET A 30 -4.74 12.08 6.87
CA MET A 30 -4.82 10.62 6.65
C MET A 30 -4.96 10.35 5.15
N THR A 31 -4.55 9.17 4.70
CA THR A 31 -4.64 8.81 3.29
C THR A 31 -5.66 7.65 3.16
N VAL A 32 -6.63 7.78 2.27
CA VAL A 32 -7.77 6.82 2.15
C VAL A 32 -7.96 6.27 0.72
N SER A 33 -8.11 4.96 0.60
CA SER A 33 -8.40 4.31 -0.69
C SER A 33 -9.48 3.25 -0.54
N GLU A 34 -10.20 3.01 -1.63
CA GLU A 34 -11.18 1.94 -1.73
C GLU A 34 -10.47 0.58 -2.00
N ILE A 35 -10.88 -0.44 -1.27
CA ILE A 35 -10.35 -1.78 -1.49
C ILE A 35 -11.52 -2.72 -1.64
N GLN A 36 -11.24 -3.94 -2.10
CA GLN A 36 -12.21 -5.02 -2.16
C GLN A 36 -11.78 -6.04 -1.14
N GLY A 37 -12.61 -6.29 -0.14
CA GLY A 37 -12.28 -7.22 0.94
C GLY A 37 -12.93 -8.60 0.82
N TYR A 38 -12.09 -9.62 0.81
CA TYR A 38 -12.48 -11.02 0.91
C TYR A 38 -12.21 -11.48 2.36
N GLY A 39 -13.26 -11.93 3.06
CA GLY A 39 -13.11 -12.32 4.46
C GLY A 39 -14.15 -13.29 4.97
N ARG A 40 -15.39 -12.78 5.16
CA ARG A 40 -16.57 -13.61 5.45
C ARG A 40 -17.90 -13.05 4.88
N ASP A 56 -19.02 -12.59 -2.80
CA ASP A 56 -17.67 -12.43 -3.32
C ASP A 56 -16.80 -11.54 -2.42
N PHE A 57 -16.61 -10.31 -2.85
CA PHE A 57 -15.88 -9.33 -2.04
C PHE A 57 -16.90 -8.35 -1.47
N VAL A 58 -16.45 -7.64 -0.44
CA VAL A 58 -17.18 -6.55 0.16
C VAL A 58 -16.33 -5.25 -0.06
N PRO A 59 -16.98 -4.15 -0.44
CA PRO A 59 -16.19 -2.88 -0.50
C PRO A 59 -15.70 -2.42 0.89
N LYS A 60 -14.44 -1.98 1.00
CA LYS A 60 -13.97 -1.46 2.29
C LYS A 60 -13.14 -0.20 2.05
N VAL A 61 -12.87 0.59 3.09
CA VAL A 61 -11.84 1.64 2.98
C VAL A 61 -10.57 1.20 3.70
N ARG A 62 -9.45 1.58 3.11
CA ARG A 62 -8.19 1.46 3.73
C ARG A 62 -7.75 2.86 4.15
N ILE A 63 -7.47 3.01 5.43
CA ILE A 63 -7.00 4.25 5.97
C ILE A 63 -5.58 3.99 6.37
N GLU A 64 -4.67 4.84 5.90
CA GLU A 64 -3.26 4.80 6.30
C GLU A 64 -2.87 6.15 6.91
N VAL A 65 -2.29 6.09 8.09
CA VAL A 65 -1.76 7.30 8.69
C VAL A 65 -0.37 7.02 9.31
N VAL A 66 0.60 7.85 9.02
CA VAL A 66 1.90 7.75 9.65
C VAL A 66 1.90 8.53 10.96
N VAL A 67 2.39 7.92 12.03
CA VAL A 67 2.40 8.59 13.35
C VAL A 67 3.70 8.32 14.12
N ASP A 68 3.93 9.12 15.16
CA ASP A 68 5.04 8.89 16.10
C ASP A 68 4.67 7.69 16.93
N ASP A 69 5.65 6.87 17.30
CA ASP A 69 5.34 5.73 18.17
C ASP A 69 4.81 6.05 19.59
N SER A 70 5.08 7.25 20.11
CA SER A 70 4.55 7.66 21.42
C SER A 70 3.02 7.70 21.44
N ILE A 71 2.41 7.82 20.27
CA ILE A 71 0.96 7.81 20.20
C ILE A 71 0.33 6.66 19.43
N VAL A 72 1.11 5.75 18.83
CA VAL A 72 0.54 4.66 17.98
C VAL A 72 -0.56 3.88 18.69
N ASP A 73 -0.29 3.52 19.94
CA ASP A 73 -1.24 2.75 20.78
C ASP A 73 -2.63 3.45 20.84
N LYS A 74 -2.66 4.70 21.32
CA LYS A 74 -3.87 5.52 21.38
C LYS A 74 -4.56 5.79 20.02
N VAL A 75 -3.78 5.93 18.94
CA VAL A 75 -4.37 6.14 17.65
C VAL A 75 -5.01 4.83 17.12
N VAL A 76 -4.36 3.69 17.36
CA VAL A 76 -4.97 2.41 17.03
C VAL A 76 -6.32 2.23 17.78
N ASP A 77 -6.32 2.46 19.08
CA ASP A 77 -7.53 2.34 19.88
C ASP A 77 -8.69 3.20 19.40
N SER A 78 -8.37 4.45 19.06
CA SER A 78 -9.37 5.40 18.65
C SER A 78 -9.91 5.08 17.24
N ILE A 79 -9.12 4.41 16.41
CA ILE A 79 -9.64 3.87 15.16
C ILE A 79 -10.59 2.68 15.41
N VAL A 80 -10.19 1.78 16.32
CA VAL A 80 -10.96 0.58 16.67
C VAL A 80 -12.29 0.91 17.35
N ARG A 81 -12.33 2.02 18.09
CA ARG A 81 -13.57 2.44 18.75
C ARG A 81 -14.54 3.07 17.75
N ALA A 82 -14.02 3.86 16.81
CA ALA A 82 -14.90 4.54 15.88
C ALA A 82 -15.43 3.58 14.84
N ALA A 83 -14.71 2.48 14.60
CA ALA A 83 -14.97 1.56 13.49
C ALA A 83 -15.82 0.34 13.89
N ARG A 84 -15.98 0.12 15.19
CA ARG A 84 -16.66 -1.06 15.72
C ARG A 84 -18.17 -0.94 15.62
N THR A 85 -18.80 -2.01 15.18
CA THR A 85 -20.24 -2.06 15.18
C THR A 85 -20.70 -3.29 15.96
N GLY A 86 -19.77 -4.24 16.12
CA GLY A 86 -20.07 -5.52 16.77
C GLY A 86 -20.62 -6.57 15.82
N LYS A 87 -20.75 -6.20 14.54
CA LYS A 87 -21.17 -7.12 13.49
C LYS A 87 -19.89 -7.58 12.82
N ILE A 88 -19.90 -8.80 12.29
CA ILE A 88 -18.79 -9.36 11.54
C ILE A 88 -18.34 -8.47 10.35
N GLY A 89 -17.04 -8.53 10.02
CA GLY A 89 -16.50 -7.75 8.91
C GLY A 89 -16.08 -6.33 9.24
N ASP A 90 -15.95 -6.03 10.54
CA ASP A 90 -15.47 -4.75 11.07
C ASP A 90 -14.06 -4.37 10.65
N GLY A 91 -13.26 -5.37 10.26
CA GLY A 91 -11.93 -5.15 9.76
C GLY A 91 -10.80 -5.26 10.77
N LYS A 92 -9.65 -4.73 10.39
CA LYS A 92 -8.41 -4.94 11.10
C LYS A 92 -7.66 -3.64 11.04
N VAL A 93 -6.83 -3.39 12.05
CA VAL A 93 -5.91 -2.28 12.04
C VAL A 93 -4.56 -2.91 12.31
N TRP A 94 -3.56 -2.59 11.49
CA TRP A 94 -2.22 -3.04 11.79
C TRP A 94 -1.14 -1.90 11.78
N VAL A 95 0.01 -2.22 12.37
CA VAL A 95 1.09 -1.26 12.58
C VAL A 95 2.34 -1.78 11.92
N SER A 96 3.08 -0.91 11.25
CA SER A 96 4.31 -1.32 10.52
C SER A 96 5.40 -0.24 10.66
N PRO A 97 6.69 -0.61 10.57
CA PRO A 97 7.69 0.45 10.75
C PRO A 97 7.83 1.39 9.55
N VAL A 98 8.10 2.66 9.86
CA VAL A 98 8.38 3.64 8.84
C VAL A 98 9.78 4.15 9.16
N ASP A 99 10.74 3.87 8.29
CA ASP A 99 12.15 4.27 8.51
C ASP A 99 12.30 5.77 8.41
N THR A 100 11.63 6.40 7.48
CA THR A 100 11.85 7.79 7.16
C THR A 100 10.57 8.34 6.52
N ILE A 101 10.24 9.59 6.83
CA ILE A 101 9.23 10.35 6.12
C ILE A 101 9.78 11.77 5.87
N VAL A 102 9.38 12.35 4.73
CA VAL A 102 9.73 13.73 4.32
C VAL A 102 8.48 14.51 3.90
N ARG A 103 8.34 15.75 4.34
CA ARG A 103 7.31 16.65 3.78
C ARG A 103 7.80 17.21 2.43
N VAL A 104 7.02 17.05 1.36
CA VAL A 104 7.45 17.40 -0.02
C VAL A 104 7.68 18.90 -0.21
N ARG A 105 6.78 19.72 0.34
CA ARG A 105 6.90 21.16 0.20
C ARG A 105 8.16 21.73 0.85
N THR A 106 8.48 21.28 2.07
CA THR A 106 9.56 21.91 2.84
C THR A 106 10.84 21.09 2.99
N GLY A 107 10.73 19.77 2.84
CA GLY A 107 11.89 18.88 3.03
C GLY A 107 12.09 18.45 4.47
N GLU A 108 11.15 18.87 5.34
CA GLU A 108 11.12 18.53 6.75
C GLU A 108 10.96 17.03 6.99
N ARG A 109 11.62 16.51 8.01
CA ARG A 109 11.67 15.08 8.24
C ARG A 109 11.15 14.67 9.61
N GLY A 110 10.88 13.36 9.76
CA GLY A 110 10.36 12.80 11.02
C GLY A 110 9.05 13.42 11.52
N HIS A 111 9.04 13.82 12.79
CA HIS A 111 7.85 14.44 13.39
C HIS A 111 7.42 15.74 12.67
N ASP A 112 8.39 16.55 12.24
CA ASP A 112 8.15 17.76 11.45
C ASP A 112 7.54 17.53 10.04
N ALA A 113 7.61 16.28 9.55
CA ALA A 113 7.01 15.94 8.26
C ALA A 113 5.53 15.63 8.36
N LEU A 114 5.06 15.35 9.58
CA LEU A 114 3.65 15.04 9.87
C LEU A 114 2.74 16.27 10.00
N HIS B 2 5.84 -13.35 15.06
CA HIS B 2 5.90 -12.25 14.06
C HIS B 2 4.96 -12.42 12.87
N MET B 3 4.22 -11.33 12.61
CA MET B 3 3.36 -11.19 11.46
C MET B 3 4.13 -10.55 10.31
N LYS B 4 3.71 -10.86 9.08
CA LYS B 4 4.25 -10.27 7.88
C LYS B 4 3.12 -9.81 6.97
N LEU B 5 3.38 -8.77 6.20
CA LEU B 5 2.49 -8.40 5.11
C LEU B 5 3.08 -8.92 3.83
N ILE B 6 2.29 -9.71 3.10
CA ILE B 6 2.65 -10.08 1.73
C ILE B 6 1.92 -9.19 0.76
N THR B 7 2.68 -8.63 -0.19
CA THR B 7 2.16 -7.75 -1.27
C THR B 7 2.41 -8.41 -2.62
N ALA B 8 1.33 -8.69 -3.33
CA ALA B 8 1.42 -9.29 -4.67
C ALA B 8 0.85 -8.29 -5.67
N ILE B 9 1.68 -7.90 -6.65
CA ILE B 9 1.23 -7.23 -7.87
C ILE B 9 1.14 -8.23 -9.04
N VAL B 10 -0.07 -8.55 -9.49
CA VAL B 10 -0.26 -9.63 -10.46
C VAL B 10 -1.28 -9.22 -11.54
N LYS B 11 -1.36 -10.01 -12.63
CA LYS B 11 -2.35 -9.79 -13.67
C LYS B 11 -3.74 -9.92 -13.07
N PRO B 12 -4.66 -8.97 -13.40
CA PRO B 12 -6.00 -9.04 -12.79
C PRO B 12 -6.69 -10.40 -12.99
N PHE B 13 -6.44 -11.07 -14.12
CA PHE B 13 -7.17 -12.30 -14.49
C PHE B 13 -6.79 -13.55 -13.63
N THR B 14 -5.61 -13.51 -13.02
CA THR B 14 -5.14 -14.56 -12.15
C THR B 14 -5.76 -14.54 -10.72
N LEU B 15 -6.57 -13.53 -10.40
CA LEU B 15 -7.10 -13.37 -9.03
C LEU B 15 -7.81 -14.62 -8.46
N ASP B 16 -8.67 -15.24 -9.26
CA ASP B 16 -9.37 -16.47 -8.88
C ASP B 16 -8.45 -17.66 -8.51
N ASP B 17 -7.50 -18.01 -9.37
CA ASP B 17 -6.39 -18.92 -9.06
C ASP B 17 -5.61 -18.54 -7.78
N VAL B 18 -5.29 -17.25 -7.64
CA VAL B 18 -4.51 -16.80 -6.48
C VAL B 18 -5.33 -17.00 -5.22
N LYS B 19 -6.57 -16.53 -5.25
CA LYS B 19 -7.49 -16.65 -4.14
C LYS B 19 -7.68 -18.11 -3.72
N THR B 20 -7.85 -18.99 -4.70
CA THR B 20 -7.98 -20.41 -4.49
C THR B 20 -6.70 -21.01 -3.90
N SER B 21 -5.55 -20.64 -4.46
CA SER B 21 -4.26 -21.11 -4.00
C SER B 21 -4.03 -20.76 -2.53
N LEU B 22 -4.45 -19.55 -2.16
CA LEU B 22 -4.36 -19.03 -0.79
C LEU B 22 -5.21 -19.77 0.22
N GLU B 23 -6.47 -20.00 -0.07
CA GLU B 23 -7.35 -20.79 0.79
C GLU B 23 -6.82 -22.23 1.03
N ASP B 24 -6.11 -22.77 0.05
CA ASP B 24 -5.43 -24.07 0.16
C ASP B 24 -4.23 -24.04 1.11
N ALA B 25 -3.73 -22.84 1.40
CA ALA B 25 -2.64 -22.64 2.36
C ALA B 25 -3.16 -22.19 3.74
N GLY B 26 -4.49 -22.23 3.89
CA GLY B 26 -5.18 -21.97 5.17
C GLY B 26 -5.42 -20.49 5.42
N VAL B 27 -5.25 -19.70 4.36
CA VAL B 27 -5.38 -18.24 4.43
C VAL B 27 -6.81 -17.83 4.02
N LEU B 28 -7.54 -17.23 4.96
CA LEU B 28 -8.99 -17.01 4.82
C LEU B 28 -9.39 -15.53 4.90
N GLY B 29 -8.85 -14.76 3.98
CA GLY B 29 -9.12 -13.34 3.89
C GLY B 29 -7.98 -12.70 3.13
N MET B 30 -8.29 -11.67 2.35
CA MET B 30 -7.27 -10.94 1.63
C MET B 30 -7.83 -9.56 1.36
N THR B 31 -6.94 -8.62 1.09
CA THR B 31 -7.31 -7.26 0.71
C THR B 31 -6.85 -7.05 -0.74
N VAL B 32 -7.78 -6.65 -1.62
CA VAL B 32 -7.44 -6.45 -3.06
C VAL B 32 -7.77 -4.99 -3.54
N SER B 33 -6.93 -4.43 -4.39
CA SER B 33 -7.16 -3.07 -4.93
C SER B 33 -6.68 -3.04 -6.36
N GLU B 34 -7.14 -2.09 -7.16
CA GLU B 34 -6.61 -1.96 -8.52
C GLU B 34 -5.42 -0.97 -8.55
N ILE B 35 -4.40 -1.30 -9.33
CA ILE B 35 -3.31 -0.34 -9.58
C ILE B 35 -2.96 -0.17 -11.08
N GLN B 36 -2.35 0.96 -11.43
CA GLN B 36 -1.75 1.15 -12.74
C GLN B 36 -0.24 0.85 -12.59
N GLY B 37 0.19 -0.21 -13.26
CA GLY B 37 1.57 -0.63 -13.18
C GLY B 37 2.39 -0.14 -14.33
N TYR B 38 3.68 0.01 -14.10
CA TYR B 38 4.61 0.47 -15.11
C TYR B 38 5.87 -0.39 -14.99
N GLY B 39 6.42 -0.82 -16.12
CA GLY B 39 7.65 -1.60 -16.06
C GLY B 39 8.21 -1.98 -17.41
N ARG B 40 8.76 -3.19 -17.49
CA ARG B 40 9.26 -3.77 -18.74
C ARG B 40 8.12 -3.95 -19.73
N GLN B 41 6.91 -4.17 -19.20
CA GLN B 41 5.66 -4.27 -19.98
C GLN B 41 5.33 -2.94 -20.68
N GLY B 43 3.44 0.28 -21.10
CA GLY B 43 2.02 0.45 -21.48
C GLY B 43 1.31 -0.78 -22.01
N HIS B 44 0.00 -0.65 -22.20
CA HIS B 44 -0.80 -1.72 -22.82
C HIS B 44 -1.75 -1.17 -23.94
N THR B 45 -2.45 -2.07 -24.61
CA THR B 45 -3.39 -1.65 -25.66
C THR B 45 -4.83 -1.44 -25.12
N GLU B 46 -5.54 -0.45 -25.76
CA GLU B 46 -6.88 -0.10 -25.29
C GLU B 46 -7.76 0.13 -26.48
N VAL B 47 -9.06 0.26 -26.25
CA VAL B 47 -9.98 0.30 -27.40
C VAL B 47 -11.08 1.41 -27.37
N TYR B 48 -11.27 2.06 -28.51
CA TYR B 48 -12.31 3.08 -28.62
C TYR B 48 -13.11 2.94 -29.90
N ARG B 49 -14.36 2.48 -29.74
CA ARG B 49 -15.28 2.20 -30.83
C ARG B 49 -14.69 1.19 -31.80
N GLY B 50 -14.03 0.18 -31.23
CA GLY B 50 -13.47 -0.90 -32.03
C GLY B 50 -11.99 -0.73 -32.32
N ALA B 51 -11.53 0.52 -32.47
CA ALA B 51 -10.14 0.91 -32.79
C ALA B 51 -9.23 0.97 -31.55
N GLU B 52 -8.09 0.30 -31.69
CA GLU B 52 -7.08 0.20 -30.62
C GLU B 52 -6.17 1.41 -30.53
N TYR B 53 -5.70 1.67 -29.30
CA TYR B 53 -4.61 2.62 -29.04
C TYR B 53 -3.74 2.25 -27.80
N SER B 54 -2.60 2.90 -27.70
CA SER B 54 -1.60 2.51 -26.75
C SER B 54 -1.71 3.43 -25.57
N VAL B 55 -1.47 2.91 -24.38
CA VAL B 55 -1.42 3.71 -23.15
C VAL B 55 -0.22 3.26 -22.33
N ASP B 56 0.30 4.16 -21.46
CA ASP B 56 1.60 3.93 -20.77
C ASP B 56 1.62 2.93 -19.60
N PHE B 57 0.53 2.89 -18.84
CA PHE B 57 0.45 2.04 -17.67
C PHE B 57 -0.34 0.78 -17.99
N VAL B 58 -0.12 -0.27 -17.23
CA VAL B 58 -0.90 -1.46 -17.39
C VAL B 58 -1.66 -1.80 -16.12
N PRO B 59 -2.98 -2.05 -16.23
CA PRO B 59 -3.73 -2.41 -15.00
C PRO B 59 -3.22 -3.70 -14.35
N LYS B 60 -2.99 -3.64 -13.03
CA LYS B 60 -2.63 -4.83 -12.24
C LYS B 60 -3.53 -4.90 -11.05
N VAL B 61 -3.44 -6.03 -10.35
CA VAL B 61 -4.21 -6.20 -9.12
C VAL B 61 -3.22 -6.29 -7.92
N ARG B 62 -3.45 -5.49 -6.89
CA ARG B 62 -2.61 -5.52 -5.70
C ARG B 62 -3.31 -6.36 -4.66
N ILE B 63 -2.66 -7.47 -4.28
CA ILE B 63 -3.18 -8.34 -3.25
C ILE B 63 -2.39 -8.21 -1.94
N GLU B 64 -3.07 -7.95 -0.84
CA GLU B 64 -2.44 -7.92 0.50
C GLU B 64 -2.95 -8.94 1.52
N VAL B 65 -2.02 -9.75 2.03
CA VAL B 65 -2.32 -10.70 3.09
C VAL B 65 -1.38 -10.57 4.29
N VAL B 66 -1.94 -10.42 5.49
CA VAL B 66 -1.14 -10.51 6.73
C VAL B 66 -1.12 -11.95 7.19
N VAL B 67 0.08 -12.51 7.32
CA VAL B 67 0.24 -13.93 7.69
C VAL B 67 1.28 -14.08 8.82
N ASP B 68 1.36 -15.27 9.41
CA ASP B 68 2.42 -15.54 10.40
C ASP B 68 3.74 -15.85 9.71
N ASP B 69 4.83 -15.54 10.42
CA ASP B 69 6.19 -15.91 10.10
C ASP B 69 6.28 -17.29 9.45
N SER B 70 5.71 -18.30 10.11
CA SER B 70 5.82 -19.73 9.75
C SER B 70 5.20 -20.14 8.40
N ILE B 71 4.04 -19.58 8.10
CA ILE B 71 3.28 -19.82 6.88
C ILE B 71 3.81 -18.98 5.67
N VAL B 72 4.66 -17.98 5.93
CA VAL B 72 5.00 -16.92 4.96
C VAL B 72 5.66 -17.41 3.65
N ASP B 73 6.52 -18.40 3.73
CA ASP B 73 7.20 -18.93 2.55
C ASP B 73 6.27 -19.73 1.65
N LYS B 74 5.41 -20.51 2.28
CA LYS B 74 4.47 -21.39 1.58
C LYS B 74 3.45 -20.54 0.83
N VAL B 75 3.07 -19.44 1.45
CA VAL B 75 2.12 -18.46 0.90
C VAL B 75 2.68 -17.69 -0.32
N VAL B 76 3.88 -17.15 -0.18
CA VAL B 76 4.52 -16.44 -1.28
C VAL B 76 4.63 -17.36 -2.51
N ASP B 77 5.04 -18.61 -2.28
CA ASP B 77 5.26 -19.59 -3.33
C ASP B 77 3.94 -19.97 -4.00
N SER B 78 2.95 -20.28 -3.16
CA SER B 78 1.58 -20.51 -3.57
C SER B 78 1.05 -19.40 -4.49
N ILE B 79 1.22 -18.12 -4.12
CA ILE B 79 0.83 -16.97 -4.97
C ILE B 79 1.58 -16.93 -6.31
N VAL B 80 2.91 -16.99 -6.23
CA VAL B 80 3.78 -17.07 -7.41
C VAL B 80 3.32 -18.15 -8.45
N ARG B 81 3.10 -19.38 -8.01
CA ARG B 81 2.64 -20.50 -8.86
C ARG B 81 1.28 -20.24 -9.47
N ALA B 82 0.43 -19.49 -8.78
CA ALA B 82 -0.89 -19.21 -9.26
C ALA B 82 -0.97 -17.97 -10.23
N ALA B 83 0.00 -17.08 -10.15
CA ALA B 83 -0.02 -15.83 -10.90
C ALA B 83 0.87 -15.93 -12.12
N ARG B 84 1.72 -16.95 -12.14
CA ARG B 84 2.74 -17.19 -13.15
C ARG B 84 2.08 -17.74 -14.41
N THR B 85 2.35 -17.09 -15.55
CA THR B 85 1.71 -17.42 -16.83
C THR B 85 2.71 -17.83 -17.87
N GLY B 86 3.95 -17.36 -17.71
CA GLY B 86 5.01 -17.66 -18.69
C GLY B 86 5.35 -16.47 -19.57
N LYS B 87 4.34 -15.64 -19.78
CA LYS B 87 4.49 -14.39 -20.50
C LYS B 87 5.03 -13.30 -19.57
N ILE B 88 5.43 -12.16 -20.14
CA ILE B 88 5.96 -11.04 -19.35
C ILE B 88 4.86 -10.31 -18.56
N GLY B 89 5.26 -9.63 -17.50
CA GLY B 89 4.34 -8.79 -16.76
C GLY B 89 3.53 -9.53 -15.71
N ASP B 90 3.97 -10.73 -15.35
CA ASP B 90 3.37 -11.53 -14.29
C ASP B 90 3.33 -10.81 -12.91
N GLY B 91 4.40 -10.09 -12.56
CA GLY B 91 4.40 -9.27 -11.38
C GLY B 91 5.42 -9.68 -10.35
N LYS B 92 5.09 -9.40 -9.11
CA LYS B 92 6.06 -9.45 -8.03
C LYS B 92 5.29 -9.65 -6.76
N VAL B 93 5.91 -10.38 -5.84
CA VAL B 93 5.43 -10.49 -4.48
C VAL B 93 6.54 -10.18 -3.51
N TRP B 94 6.26 -9.30 -2.57
CA TRP B 94 7.24 -8.93 -1.57
C TRP B 94 6.67 -9.03 -0.15
N VAL B 95 7.55 -9.29 0.82
CA VAL B 95 7.18 -9.45 2.23
C VAL B 95 7.71 -8.26 3.02
N SER B 96 6.94 -7.78 4.01
CA SER B 96 7.35 -6.66 4.87
C SER B 96 6.93 -6.85 6.34
N PRO B 97 7.60 -6.17 7.30
CA PRO B 97 7.20 -6.40 8.71
C PRO B 97 5.85 -5.83 9.20
N VAL B 98 5.22 -6.55 10.12
CA VAL B 98 4.05 -6.09 10.81
C VAL B 98 4.31 -6.18 12.32
N ASP B 99 4.32 -5.02 13.00
CA ASP B 99 4.51 -4.92 14.46
C ASP B 99 3.41 -5.56 15.30
N THR B 100 2.17 -5.19 14.95
CA THR B 100 0.96 -5.71 15.57
C THR B 100 -0.25 -5.53 14.63
N ILE B 101 -1.20 -6.46 14.78
CA ILE B 101 -2.48 -6.47 14.11
C ILE B 101 -3.58 -6.69 15.16
N VAL B 102 -4.70 -5.99 15.01
CA VAL B 102 -5.81 -6.19 15.96
C VAL B 102 -7.09 -6.35 15.17
N ARG B 103 -7.99 -7.24 15.64
CA ARG B 103 -9.33 -7.40 15.01
C ARG B 103 -10.23 -6.30 15.54
N VAL B 104 -10.88 -5.56 14.64
CA VAL B 104 -11.68 -4.39 15.11
C VAL B 104 -12.81 -4.75 16.09
N ARG B 105 -13.55 -5.82 15.80
CA ARG B 105 -14.68 -6.27 16.61
C ARG B 105 -14.36 -6.80 18.04
N THR B 106 -13.28 -7.54 18.17
CA THR B 106 -12.98 -8.29 19.38
C THR B 106 -11.81 -7.71 20.17
N GLY B 107 -10.95 -6.96 19.47
CA GLY B 107 -9.70 -6.52 20.06
C GLY B 107 -8.65 -7.63 20.12
N GLU B 108 -8.92 -8.77 19.50
CA GLU B 108 -7.96 -9.84 19.43
C GLU B 108 -6.72 -9.34 18.74
N ARG B 109 -5.59 -9.77 19.25
CA ARG B 109 -4.30 -9.33 18.77
C ARG B 109 -3.56 -10.53 18.19
N GLY B 110 -2.61 -10.29 17.31
CA GLY B 110 -1.69 -11.34 16.84
C GLY B 110 -2.35 -12.28 15.87
N HIS B 111 -1.94 -13.54 15.93
CA HIS B 111 -2.58 -14.63 15.18
C HIS B 111 -4.09 -14.78 15.46
N ASP B 112 -4.50 -14.37 16.63
CA ASP B 112 -5.90 -14.40 17.00
C ASP B 112 -6.71 -13.41 16.16
N ALA B 113 -6.05 -12.36 15.67
CA ALA B 113 -6.68 -11.29 14.88
C ALA B 113 -6.91 -11.63 13.40
N LEU B 114 -6.37 -12.75 12.94
CA LEU B 114 -6.39 -13.12 11.52
C LEU B 114 -7.66 -13.88 11.06
N HIS C 2 18.20 -5.35 2.82
CA HIS C 2 18.66 -4.38 1.77
C HIS C 2 17.63 -3.84 0.76
N MET C 3 16.40 -4.35 0.76
CA MET C 3 15.35 -3.78 -0.07
C MET C 3 14.53 -2.79 0.76
N LYS C 4 14.02 -1.75 0.10
CA LYS C 4 13.17 -0.75 0.75
C LYS C 4 11.97 -0.48 -0.13
N LEU C 5 10.85 -0.14 0.53
CA LEU C 5 9.67 0.38 -0.17
C LEU C 5 9.58 1.91 0.05
N ILE C 6 9.39 2.63 -1.07
CA ILE C 6 9.18 4.05 -1.05
C ILE C 6 7.73 4.28 -1.40
N THR C 7 7.02 5.04 -0.57
CA THR C 7 5.66 5.45 -0.82
C THR C 7 5.62 6.97 -0.90
N ALA C 8 5.07 7.47 -2.01
CA ALA C 8 4.90 8.89 -2.25
C ALA C 8 3.41 9.22 -2.36
N ILE C 9 2.95 10.16 -1.56
CA ILE C 9 1.62 10.75 -1.78
C ILE C 9 1.79 12.11 -2.47
N VAL C 10 1.30 12.23 -3.70
CA VAL C 10 1.57 13.45 -4.47
C VAL C 10 0.34 13.98 -5.21
N LYS C 11 0.45 15.22 -5.71
CA LYS C 11 -0.65 15.83 -6.48
C LYS C 11 -0.72 15.12 -7.81
N PRO C 12 -1.94 14.83 -8.30
CA PRO C 12 -2.05 14.02 -9.53
C PRO C 12 -1.38 14.58 -10.78
N PHE C 13 -1.12 15.88 -10.82
CA PHE C 13 -0.62 16.51 -12.04
C PHE C 13 0.91 16.58 -12.10
N THR C 14 1.55 16.01 -11.08
CA THR C 14 3.00 15.92 -10.98
C THR C 14 3.46 14.53 -11.40
N LEU C 15 2.50 13.61 -11.57
CA LEU C 15 2.81 12.24 -11.94
C LEU C 15 3.76 12.09 -13.14
N ASP C 16 3.50 12.82 -14.20
CA ASP C 16 4.41 12.83 -15.34
C ASP C 16 5.82 13.31 -14.99
N ASP C 17 5.91 14.41 -14.27
CA ASP C 17 7.21 14.92 -13.81
C ASP C 17 7.91 13.87 -12.95
N VAL C 18 7.17 13.31 -11.99
CA VAL C 18 7.72 12.31 -11.05
C VAL C 18 8.21 11.04 -11.76
N LYS C 19 7.42 10.54 -12.71
CA LYS C 19 7.80 9.43 -13.58
C LYS C 19 9.13 9.66 -14.35
N THR C 20 9.31 10.80 -15.04
CA THR C 20 10.59 11.03 -15.71
C THR C 20 11.71 11.22 -14.70
N SER C 21 11.39 11.88 -13.58
CA SER C 21 12.34 12.03 -12.47
C SER C 21 12.81 10.67 -11.95
N LEU C 22 11.91 9.69 -11.94
CA LEU C 22 12.30 8.32 -11.60
C LEU C 22 13.18 7.64 -12.68
N GLU C 23 12.81 7.74 -13.95
CA GLU C 23 13.59 7.08 -15.00
C GLU C 23 15.05 7.64 -15.17
N ASP C 24 15.21 8.96 -14.95
CA ASP C 24 16.53 9.62 -14.85
C ASP C 24 17.38 9.10 -13.71
N ALA C 25 16.74 8.83 -12.57
CA ALA C 25 17.35 8.26 -11.37
C ALA C 25 17.79 6.80 -11.55
N GLY C 26 17.03 6.15 -12.61
CA GLY C 26 17.31 4.75 -12.89
C GLY C 26 16.35 3.74 -12.27
N VAL C 27 15.20 4.22 -11.76
CA VAL C 27 14.10 3.35 -11.36
C VAL C 27 13.30 2.97 -12.60
N LEU C 28 13.26 1.69 -12.90
CA LEU C 28 12.78 1.21 -14.18
C LEU C 28 11.29 0.77 -14.18
N GLY C 29 10.58 1.13 -13.10
CA GLY C 29 9.14 0.86 -12.99
C GLY C 29 8.62 1.19 -11.60
N MET C 30 7.30 1.31 -11.47
CA MET C 30 6.66 1.69 -10.22
C MET C 30 5.18 1.26 -10.24
N THR C 31 4.52 1.37 -9.09
CA THR C 31 3.07 1.17 -9.10
C THR C 31 2.29 2.39 -8.58
N VAL C 32 1.23 2.72 -9.28
CA VAL C 32 0.46 3.92 -9.01
C VAL C 32 -1.00 3.55 -8.72
N SER C 33 -1.63 4.30 -7.81
CA SER C 33 -3.05 4.18 -7.55
C SER C 33 -3.58 5.53 -7.14
N GLU C 34 -4.88 5.76 -7.29
CA GLU C 34 -5.49 6.99 -6.80
C GLU C 34 -5.84 6.88 -5.30
N ILE C 35 -5.65 7.97 -4.55
CA ILE C 35 -6.09 8.00 -3.16
C ILE C 35 -6.94 9.26 -2.90
N GLN C 36 -7.54 9.33 -1.72
CA GLN C 36 -8.30 10.47 -1.24
C GLN C 36 -7.59 10.99 0.02
N GLY C 37 -7.18 12.24 0.03
CA GLY C 37 -6.31 12.65 1.09
C GLY C 37 -6.87 13.73 1.94
N TYR C 38 -6.84 13.53 3.25
CA TYR C 38 -7.21 14.59 4.20
C TYR C 38 -5.93 15.23 4.75
N GLY C 39 -5.92 16.56 4.85
CA GLY C 39 -4.78 17.29 5.42
C GLY C 39 -5.09 18.74 5.75
N ARG C 40 -4.04 19.55 5.77
CA ARG C 40 -4.18 20.99 6.05
C ARG C 40 -4.52 21.78 4.79
N TYR C 53 -16.97 10.73 -0.01
CA TYR C 53 -16.01 11.63 0.61
C TYR C 53 -16.58 13.04 0.82
N SER C 54 -16.12 13.71 1.88
CA SER C 54 -16.51 15.08 2.18
C SER C 54 -15.62 16.11 1.47
N VAL C 55 -15.86 17.40 1.72
CA VAL C 55 -15.13 18.48 1.08
C VAL C 55 -13.64 18.52 1.47
N ASP C 56 -13.35 18.00 2.66
CA ASP C 56 -11.98 18.00 3.18
C ASP C 56 -11.09 17.02 2.46
N PHE C 57 -11.67 16.03 1.78
CA PHE C 57 -10.89 15.07 1.00
C PHE C 57 -10.54 15.58 -0.41
N VAL C 58 -9.31 15.32 -0.83
CA VAL C 58 -8.73 15.83 -2.07
C VAL C 58 -8.00 14.71 -2.79
N PRO C 59 -8.22 14.58 -4.12
CA PRO C 59 -7.56 13.46 -4.82
C PRO C 59 -6.03 13.60 -4.82
N LYS C 60 -5.33 12.47 -4.63
CA LYS C 60 -3.89 12.41 -4.69
C LYS C 60 -3.56 11.14 -5.45
N VAL C 61 -2.29 10.94 -5.81
CA VAL C 61 -1.86 9.59 -6.30
C VAL C 61 -0.86 8.98 -5.33
N ARG C 62 -0.96 7.67 -5.08
CA ARG C 62 0.07 6.95 -4.34
C ARG C 62 1.02 6.27 -5.35
N ILE C 63 2.30 6.64 -5.28
CA ILE C 63 3.35 5.99 -6.06
C ILE C 63 4.13 5.08 -5.10
N GLU C 64 4.21 3.77 -5.38
CA GLU C 64 5.12 2.86 -4.64
C GLU C 64 6.22 2.26 -5.52
N VAL C 65 7.47 2.42 -5.11
CA VAL C 65 8.62 1.79 -5.82
C VAL C 65 9.45 0.99 -4.80
N VAL C 66 9.60 -0.33 -4.98
CA VAL C 66 10.62 -1.12 -4.26
C VAL C 66 11.99 -0.90 -4.91
N VAL C 67 12.99 -0.57 -4.09
CA VAL C 67 14.37 -0.26 -4.54
C VAL C 67 15.45 -0.96 -3.69
N ASP C 68 16.71 -0.92 -4.14
CA ASP C 68 17.86 -1.20 -3.26
C ASP C 68 18.06 -0.02 -2.31
N ASP C 69 18.49 -0.34 -1.08
CA ASP C 69 18.78 0.69 -0.06
C ASP C 69 19.99 1.61 -0.34
N SER C 70 20.81 1.28 -1.32
CA SER C 70 21.91 2.19 -1.74
C SER C 70 21.37 3.40 -2.50
N ILE C 71 20.26 3.16 -3.19
CA ILE C 71 19.69 4.07 -4.16
C ILE C 71 18.48 4.87 -3.60
N VAL C 72 18.20 4.71 -2.30
CA VAL C 72 16.92 5.24 -1.76
C VAL C 72 16.87 6.76 -1.55
N ASP C 73 17.94 7.35 -1.06
CA ASP C 73 18.02 8.80 -0.92
C ASP C 73 17.88 9.59 -2.24
N LYS C 74 18.46 9.07 -3.32
CA LYS C 74 18.40 9.73 -4.62
C LYS C 74 16.97 9.66 -5.13
N VAL C 75 16.38 8.46 -5.05
CA VAL C 75 15.00 8.25 -5.46
C VAL C 75 14.04 9.11 -4.66
N VAL C 76 14.08 9.06 -3.33
CA VAL C 76 13.23 9.93 -2.48
C VAL C 76 13.36 11.39 -2.92
N ASP C 77 14.59 11.88 -3.09
CA ASP C 77 14.78 13.28 -3.50
C ASP C 77 14.34 13.63 -4.93
N SER C 78 14.51 12.71 -5.87
CA SER C 78 13.98 12.94 -7.22
C SER C 78 12.47 13.11 -7.16
N ILE C 79 11.77 12.22 -6.43
CA ILE C 79 10.32 12.30 -6.20
C ILE C 79 9.97 13.67 -5.58
N VAL C 80 10.61 13.99 -4.46
CA VAL C 80 10.44 15.28 -3.78
C VAL C 80 10.63 16.44 -4.75
N ARG C 81 11.71 16.40 -5.52
CA ARG C 81 12.04 17.41 -6.53
C ARG C 81 10.94 17.65 -7.59
N ALA C 82 10.37 16.58 -8.14
CA ALA C 82 9.35 16.67 -9.21
C ALA C 82 7.92 16.91 -8.69
N ALA C 83 7.64 16.44 -7.46
CA ALA C 83 6.37 16.68 -6.79
C ALA C 83 6.24 18.05 -6.10
N ARG C 84 7.30 18.87 -6.08
CA ARG C 84 7.21 20.16 -5.37
C ARG C 84 6.49 21.27 -6.16
N THR C 85 5.50 21.87 -5.50
CA THR C 85 4.69 22.97 -6.03
C THR C 85 4.98 24.28 -5.29
N GLY C 86 5.07 24.21 -3.96
CA GLY C 86 5.25 25.39 -3.14
C GLY C 86 3.95 25.74 -2.42
N LYS C 87 2.86 25.10 -2.86
CA LYS C 87 1.53 25.29 -2.29
C LYS C 87 1.22 24.14 -1.32
N ILE C 88 0.32 24.36 -0.36
CA ILE C 88 -0.05 23.28 0.56
C ILE C 88 -0.69 22.10 -0.17
N GLY C 89 -0.39 20.91 0.35
CA GLY C 89 -1.00 19.68 -0.08
C GLY C 89 -0.10 18.91 -1.02
N ASP C 90 1.18 19.31 -1.08
CA ASP C 90 2.20 18.64 -1.93
C ASP C 90 2.49 17.19 -1.55
N GLY C 91 2.24 16.83 -0.28
CA GLY C 91 2.29 15.46 0.13
C GLY C 91 3.53 15.03 0.87
N LYS C 92 3.74 13.73 0.90
CA LYS C 92 4.86 13.14 1.64
C LYS C 92 5.42 11.94 0.92
N VAL C 93 6.66 11.59 1.29
CA VAL C 93 7.36 10.41 0.79
C VAL C 93 7.92 9.70 2.00
N TRP C 94 7.58 8.44 2.17
CA TRP C 94 8.19 7.73 3.28
C TRP C 94 8.81 6.44 2.82
N VAL C 95 9.69 5.89 3.64
CA VAL C 95 10.28 4.60 3.31
C VAL C 95 10.10 3.63 4.46
N SER C 96 10.04 2.35 4.13
CA SER C 96 9.74 1.28 5.07
C SER C 96 10.45 0.01 4.58
N PRO C 97 10.78 -0.95 5.49
CA PRO C 97 11.55 -2.14 5.10
C PRO C 97 10.81 -3.14 4.20
N VAL C 98 11.57 -3.87 3.42
CA VAL C 98 11.10 -5.02 2.65
C VAL C 98 12.03 -6.19 3.02
N ASP C 99 11.50 -7.29 3.55
CA ASP C 99 12.28 -8.52 3.79
C ASP C 99 12.78 -9.23 2.52
N THR C 100 11.87 -9.46 1.57
CA THR C 100 12.14 -10.16 0.32
C THR C 100 11.23 -9.67 -0.76
N ILE C 101 11.69 -9.83 -2.01
CA ILE C 101 10.91 -9.59 -3.20
C ILE C 101 11.23 -10.69 -4.24
N VAL C 102 10.17 -11.29 -4.81
CA VAL C 102 10.21 -12.35 -5.83
C VAL C 102 9.54 -11.86 -7.11
N ARG C 103 10.22 -12.03 -8.24
CA ARG C 103 9.60 -11.88 -9.54
C ARG C 103 8.82 -13.15 -9.83
N VAL C 104 7.52 -12.98 -10.12
CA VAL C 104 6.61 -14.09 -10.35
C VAL C 104 7.06 -15.01 -11.50
N ARG C 105 7.48 -14.42 -12.61
CA ARG C 105 7.76 -15.14 -13.86
C ARG C 105 8.87 -16.16 -13.69
N THR C 106 9.95 -15.72 -13.03
CA THR C 106 11.14 -16.51 -12.89
C THR C 106 11.27 -17.12 -11.49
N GLY C 107 11.22 -16.30 -10.47
CA GLY C 107 11.56 -16.78 -9.14
C GLY C 107 12.81 -16.07 -8.67
N GLU C 108 13.30 -15.13 -9.47
CA GLU C 108 14.37 -14.25 -9.06
C GLU C 108 14.04 -13.48 -7.77
N ARG C 109 15.01 -13.47 -6.86
CA ARG C 109 14.86 -12.85 -5.59
C ARG C 109 15.74 -11.62 -5.47
N GLY C 110 15.43 -10.71 -4.55
CA GLY C 110 16.25 -9.51 -4.35
C GLY C 110 16.39 -8.55 -5.53
N HIS C 111 17.57 -7.98 -5.71
CA HIS C 111 17.80 -7.01 -6.78
C HIS C 111 17.47 -7.55 -8.20
N ASP C 112 17.73 -8.88 -8.38
CA ASP C 112 17.33 -9.56 -9.61
C ASP C 112 15.81 -9.64 -9.88
N ALA C 113 15.00 -9.30 -8.88
CA ALA C 113 13.55 -9.28 -9.04
C ALA C 113 12.98 -7.93 -9.51
N LEU C 114 13.79 -6.87 -9.50
CA LEU C 114 13.34 -5.55 -9.93
C LEU C 114 13.48 -5.34 -11.44
#